data_4M7F
#
_entry.id   4M7F
#
_cell.length_a   119.540
_cell.length_b   119.540
_cell.length_c   44.260
_cell.angle_alpha   90.000
_cell.angle_beta   90.000
_cell.angle_gamma   90.000
#
_symmetry.space_group_name_H-M   'P 4'
#
loop_
_entity.id
_entity.type
_entity.pdbx_description
1 polymer 'Fibrinogen C domain-containing protein 1'
2 non-polymer 'CALCIUM ION'
3 non-polymer 2-acetamido-2-deoxy-beta-D-glucopyranose
4 non-polymer 2-acetamido-2-deoxy-alpha-D-mannopyranose
5 non-polymer 'SULFATE ION'
6 water water
#
_entity_poly.entity_id   1
_entity_poly.type   'polypeptide(L)'
_entity_poly.pdbx_seq_one_letter_code
;ATGSRPRDCLDVLLSGQQDDGVYSVFPTHYPAGFQVYCDMRTDGGGWTVFQRREDGSVNFFRGWDAYRDGFGRLTGEHWL
GLKRIHALTTQAAYELHVDLEDFENGTAYARYGSFGVGLFSVDPEEDGYPLTVADYSGTAGDSLLKHSGMRFTTKDRDSD
HSENNCAAFYRGAWWYRNCHTSNLNGQYLRGAHASYADGVEWSSWTGWQYSLKFSEMKIRPVREDR
;
_entity_poly.pdbx_strand_id   A,B
#
loop_
_chem_comp.id
_chem_comp.type
_chem_comp.name
_chem_comp.formula
BM3 D-saccharide, alpha linking 2-acetamido-2-deoxy-alpha-D-mannopyranose 'C8 H15 N O6'
CA non-polymer 'CALCIUM ION' 'Ca 2'
NAG D-saccharide, beta linking 2-acetamido-2-deoxy-beta-D-glucopyranose 'C8 H15 N O6'
SO4 non-polymer 'SULFATE ION' 'O4 S -2'
#
# COMPACT_ATOMS: atom_id res chain seq x y z
N SER A 4 8.06 53.19 -26.06
CA SER A 4 9.53 53.01 -26.25
C SER A 4 10.23 52.68 -24.94
N ARG A 5 9.59 53.03 -23.82
CA ARG A 5 10.18 52.74 -22.50
C ARG A 5 9.23 52.01 -21.56
N PRO A 6 8.92 50.75 -21.88
CA PRO A 6 8.03 49.96 -21.02
C PRO A 6 8.71 49.74 -19.66
N ARG A 7 7.94 49.82 -18.58
CA ARG A 7 8.50 49.65 -17.25
C ARG A 7 8.63 48.17 -16.85
N ASP A 8 7.86 47.33 -17.53
CA ASP A 8 7.88 45.89 -17.26
C ASP A 8 7.21 45.13 -18.42
N CYS A 9 7.13 43.82 -18.28
CA CYS A 9 6.53 43.00 -19.32
C CYS A 9 5.05 43.28 -19.61
N LEU A 10 4.31 43.81 -18.65
CA LEU A 10 2.90 44.12 -18.92
C LEU A 10 2.85 45.28 -19.91
N ASP A 11 3.71 46.28 -19.70
CA ASP A 11 3.76 47.43 -20.61
C ASP A 11 4.13 46.93 -21.99
N VAL A 12 5.08 46.00 -22.06
CA VAL A 12 5.51 45.45 -23.34
C VAL A 12 4.30 44.82 -24.04
N LEU A 13 3.54 44.04 -23.30
CA LEU A 13 2.36 43.36 -23.84
C LEU A 13 1.33 44.38 -24.33
N LEU A 14 0.99 45.33 -23.47
CA LEU A 14 0.00 46.35 -23.80
C LEU A 14 0.39 47.22 -25.00
N SER A 15 1.67 47.25 -25.33
CA SER A 15 2.15 48.05 -26.45
C SER A 15 2.01 47.28 -27.76
N GLY A 16 1.61 46.02 -27.68
CA GLY A 16 1.42 45.23 -28.88
C GLY A 16 2.29 43.99 -29.05
N GLN A 17 3.23 43.77 -28.13
CA GLN A 17 4.10 42.60 -28.20
C GLN A 17 3.44 41.40 -27.53
N GLN A 18 2.91 40.49 -28.35
CA GLN A 18 2.21 39.32 -27.82
C GLN A 18 3.00 38.02 -27.67
N ASP A 19 4.20 37.95 -28.22
CA ASP A 19 4.98 36.72 -28.13
C ASP A 19 5.90 36.62 -26.91
N ASP A 20 6.07 35.40 -26.40
CA ASP A 20 6.96 35.17 -25.28
C ASP A 20 8.35 35.44 -25.81
N GLY A 21 9.24 35.95 -24.96
CA GLY A 21 10.59 36.22 -25.41
C GLY A 21 11.31 37.22 -24.53
N VAL A 22 12.49 37.64 -24.97
CA VAL A 22 13.30 38.59 -24.23
C VAL A 22 13.00 40.00 -24.72
N TYR A 23 12.78 40.92 -23.79
CA TYR A 23 12.48 42.32 -24.13
C TYR A 23 13.20 43.24 -23.16
N SER A 24 13.35 44.50 -23.57
CA SER A 24 13.97 45.51 -22.73
C SER A 24 12.90 46.21 -21.91
N VAL A 25 13.17 46.42 -20.62
CA VAL A 25 12.25 47.12 -19.75
C VAL A 25 13.10 48.17 -19.01
N PHE A 26 12.44 49.25 -18.59
CA PHE A 26 13.15 50.35 -17.93
C PHE A 26 12.45 50.77 -16.64
N PRO A 27 12.79 50.13 -15.50
CA PRO A 27 12.15 50.49 -14.23
C PRO A 27 12.37 51.96 -13.87
N THR A 28 11.47 52.52 -13.06
CA THR A 28 11.54 53.91 -12.65
C THR A 28 12.90 54.36 -12.12
N HIS A 29 13.46 53.62 -11.17
CA HIS A 29 14.76 53.99 -10.61
C HIS A 29 15.94 53.17 -11.14
N TYR A 30 15.76 52.65 -12.35
CA TYR A 30 16.80 51.87 -13.02
C TYR A 30 16.64 52.25 -14.50
N PRO A 31 16.74 53.55 -14.82
CA PRO A 31 16.61 54.14 -16.15
C PRO A 31 17.45 53.54 -17.28
N ALA A 32 18.62 53.00 -16.96
CA ALA A 32 19.45 52.39 -17.99
C ALA A 32 18.70 51.20 -18.56
N GLY A 33 17.87 50.59 -17.73
CA GLY A 33 17.10 49.43 -18.16
C GLY A 33 17.93 48.17 -18.29
N PHE A 34 17.25 47.06 -18.58
CA PHE A 34 17.90 45.77 -18.75
C PHE A 34 16.92 44.85 -19.47
N GLN A 35 17.38 43.66 -19.87
CA GLN A 35 16.50 42.73 -20.56
C GLN A 35 15.94 41.68 -19.61
N VAL A 36 14.74 41.20 -19.91
CA VAL A 36 14.09 40.19 -19.10
C VAL A 36 13.31 39.25 -20.01
N TYR A 37 12.87 38.13 -19.46
CA TYR A 37 12.07 37.22 -20.25
C TYR A 37 10.62 37.49 -19.88
N CYS A 38 9.78 37.66 -20.89
CA CYS A 38 8.36 37.93 -20.66
C CYS A 38 7.46 36.74 -20.98
N ASP A 39 6.55 36.43 -20.07
CA ASP A 39 5.59 35.34 -20.26
C ASP A 39 4.30 36.04 -20.69
N MET A 40 3.98 35.96 -21.98
CA MET A 40 2.79 36.62 -22.52
C MET A 40 1.58 35.71 -22.63
N ARG A 41 1.57 34.60 -21.92
CA ARG A 41 0.46 33.66 -22.01
C ARG A 41 -0.32 33.46 -20.71
N THR A 42 0.42 33.23 -19.62
CA THR A 42 -0.20 32.98 -18.33
C THR A 42 -1.25 33.99 -17.88
N ASP A 43 -2.49 33.50 -17.78
CA ASP A 43 -3.61 34.31 -17.34
C ASP A 43 -3.67 35.68 -18.00
N GLY A 44 -3.58 35.70 -19.32
CA GLY A 44 -3.64 36.95 -20.04
C GLY A 44 -2.28 37.48 -20.44
N GLY A 45 -1.23 36.98 -19.79
CA GLY A 45 0.12 37.41 -20.12
C GLY A 45 0.57 38.70 -19.46
N GLY A 46 1.83 39.07 -19.67
CA GLY A 46 2.36 40.29 -19.09
C GLY A 46 3.18 40.08 -17.84
N TRP A 47 3.71 38.87 -17.68
CA TRP A 47 4.53 38.54 -16.51
C TRP A 47 6.02 38.70 -16.78
N THR A 48 6.73 39.28 -15.82
CA THR A 48 8.17 39.47 -15.93
C THR A 48 8.83 38.39 -15.07
N VAL A 49 9.57 37.51 -15.72
CA VAL A 49 10.25 36.41 -15.04
C VAL A 49 11.52 36.86 -14.31
N PHE A 50 11.77 36.29 -13.13
CA PHE A 50 12.99 36.64 -12.40
C PHE A 50 13.73 35.41 -11.89
N GLN A 51 13.14 34.23 -12.11
CA GLN A 51 13.74 32.96 -11.70
C GLN A 51 13.20 31.81 -12.53
N ARG A 52 14.07 30.86 -12.86
CA ARG A 52 13.67 29.68 -13.62
C ARG A 52 14.64 28.53 -13.48
N ARG A 53 14.10 27.36 -13.18
CA ARG A 53 14.86 26.13 -13.06
C ARG A 53 14.19 25.20 -14.07
N GLU A 54 14.98 24.37 -14.77
CA GLU A 54 14.38 23.47 -15.75
C GLU A 54 15.24 22.26 -16.13
N ASP A 55 16.53 22.30 -15.81
CA ASP A 55 17.40 21.18 -16.17
C ASP A 55 18.68 21.01 -15.35
N GLY A 56 18.91 21.90 -14.38
CA GLY A 56 20.10 21.77 -13.56
C GLY A 56 21.41 22.10 -14.27
N SER A 57 21.32 22.81 -15.39
CA SER A 57 22.52 23.18 -16.13
C SER A 57 23.25 24.37 -15.49
N VAL A 58 22.54 25.13 -14.66
CA VAL A 58 23.14 26.28 -14.00
C VAL A 58 23.29 26.09 -12.50
N ASN A 59 24.44 26.47 -11.96
CA ASN A 59 24.69 26.35 -10.52
C ASN A 59 24.00 27.50 -9.78
N PHE A 60 23.13 27.15 -8.84
CA PHE A 60 22.39 28.14 -8.06
C PHE A 60 22.94 28.31 -6.65
N PHE A 61 23.93 27.51 -6.28
CA PHE A 61 24.50 27.63 -4.96
C PHE A 61 25.58 28.71 -5.06
N ARG A 62 25.12 29.94 -5.28
CA ARG A 62 26.01 31.09 -5.44
C ARG A 62 26.01 32.00 -4.22
N GLY A 63 26.98 32.90 -4.18
CA GLY A 63 27.11 33.84 -3.07
C GLY A 63 26.27 35.10 -3.22
N TRP A 64 26.44 36.01 -2.26
CA TRP A 64 25.70 37.27 -2.23
C TRP A 64 25.75 38.15 -3.47
N ASP A 65 26.94 38.37 -4.02
CA ASP A 65 27.07 39.23 -5.19
C ASP A 65 26.35 38.68 -6.41
N ALA A 66 26.38 37.37 -6.59
CA ALA A 66 25.72 36.74 -7.72
C ALA A 66 24.20 36.86 -7.61
N TYR A 67 23.67 36.70 -6.39
CA TYR A 67 22.23 36.82 -6.23
C TYR A 67 21.78 38.26 -6.30
N ARG A 68 22.71 39.19 -6.08
CA ARG A 68 22.41 40.60 -6.17
C ARG A 68 22.38 41.05 -7.63
N ASP A 69 23.42 40.65 -8.37
CA ASP A 69 23.58 41.05 -9.77
C ASP A 69 22.91 40.14 -10.79
N GLY A 70 22.60 38.91 -10.40
CA GLY A 70 21.97 37.98 -11.32
C GLY A 70 22.95 37.06 -12.00
N PHE A 71 22.45 35.92 -12.48
CA PHE A 71 23.29 34.96 -13.18
C PHE A 71 22.43 34.06 -14.06
N GLY A 72 23.08 33.28 -14.92
CA GLY A 72 22.37 32.40 -15.82
C GLY A 72 21.99 33.14 -17.10
N ARG A 73 21.07 32.56 -17.86
CA ARG A 73 20.63 33.20 -19.11
C ARG A 73 19.12 33.30 -19.20
N LEU A 74 18.65 34.42 -19.73
CA LEU A 74 17.23 34.71 -19.86
C LEU A 74 16.42 33.63 -20.57
N THR A 75 17.04 32.94 -21.52
CA THR A 75 16.35 31.90 -22.27
C THR A 75 16.40 30.53 -21.60
N GLY A 76 17.10 30.45 -20.47
CA GLY A 76 17.21 29.18 -19.77
C GLY A 76 17.10 29.38 -18.26
N GLU A 77 17.87 28.62 -17.50
CA GLU A 77 17.82 28.76 -16.06
C GLU A 77 18.51 30.07 -15.70
N HIS A 78 17.93 30.81 -14.76
CA HIS A 78 18.52 32.07 -14.36
C HIS A 78 17.87 32.69 -13.14
N TRP A 79 18.55 33.69 -12.60
CA TRP A 79 18.09 34.48 -11.46
C TRP A 79 18.34 35.91 -11.93
N LEU A 80 17.29 36.69 -12.04
CA LEU A 80 17.40 38.06 -12.55
C LEU A 80 18.30 38.96 -11.72
N GLY A 81 18.39 38.70 -10.41
CA GLY A 81 19.22 39.53 -9.55
C GLY A 81 18.36 40.38 -8.65
N LEU A 82 18.65 40.36 -7.36
CA LEU A 82 17.86 41.11 -6.39
C LEU A 82 17.79 42.62 -6.64
N LYS A 83 18.83 43.23 -7.20
CA LYS A 83 18.77 44.66 -7.44
C LYS A 83 17.73 44.96 -8.50
N ARG A 84 17.60 44.07 -9.48
CA ARG A 84 16.61 44.26 -10.54
C ARG A 84 15.19 43.98 -10.03
N ILE A 85 15.04 42.94 -9.20
CA ILE A 85 13.73 42.58 -8.65
C ILE A 85 13.25 43.73 -7.76
N HIS A 86 14.17 44.32 -7.03
CA HIS A 86 13.82 45.46 -6.18
C HIS A 86 13.36 46.64 -7.03
N ALA A 87 14.12 46.97 -8.08
CA ALA A 87 13.76 48.09 -8.96
C ALA A 87 12.39 47.87 -9.60
N LEU A 88 12.06 46.62 -9.91
CA LEU A 88 10.77 46.30 -10.50
C LEU A 88 9.61 46.39 -9.50
N THR A 89 9.73 45.65 -8.40
CA THR A 89 8.66 45.62 -7.39
C THR A 89 8.37 46.89 -6.60
N THR A 90 9.29 47.85 -6.58
CA THR A 90 9.04 49.07 -5.84
C THR A 90 8.44 50.18 -6.70
N GLN A 91 8.31 49.93 -8.00
CA GLN A 91 7.77 50.96 -8.88
C GLN A 91 6.26 50.88 -8.99
N ALA A 92 5.69 49.77 -8.52
CA ALA A 92 4.25 49.56 -8.54
C ALA A 92 3.91 48.35 -7.68
N ALA A 93 2.61 48.14 -7.44
CA ALA A 93 2.16 47.00 -6.65
C ALA A 93 2.11 45.79 -7.57
N TYR A 94 2.89 44.76 -7.25
CA TYR A 94 2.91 43.56 -8.08
C TYR A 94 2.43 42.31 -7.35
N GLU A 95 2.01 41.31 -8.12
CA GLU A 95 1.62 40.04 -7.55
C GLU A 95 2.63 39.02 -8.09
N LEU A 96 2.74 37.89 -7.42
CA LEU A 96 3.69 36.86 -7.81
C LEU A 96 3.01 35.60 -8.28
N HIS A 97 3.52 35.04 -9.37
CA HIS A 97 2.99 33.79 -9.89
C HIS A 97 4.15 32.81 -9.93
N VAL A 98 3.96 31.63 -9.36
CA VAL A 98 4.99 30.59 -9.32
C VAL A 98 4.48 29.33 -10.02
N ASP A 99 5.16 28.92 -11.08
CA ASP A 99 4.77 27.71 -11.80
C ASP A 99 5.74 26.59 -11.41
N LEU A 100 5.19 25.42 -11.14
CA LEU A 100 6.00 24.27 -10.74
C LEU A 100 5.65 23.04 -11.58
N GLU A 101 6.60 22.13 -11.68
CA GLU A 101 6.40 20.89 -12.42
C GLU A 101 7.28 19.79 -11.86
N ASP A 102 6.72 18.60 -11.65
CA ASP A 102 7.51 17.50 -11.12
C ASP A 102 8.02 16.67 -12.28
N PHE A 103 8.69 15.57 -11.95
CA PHE A 103 9.24 14.71 -13.00
C PHE A 103 8.23 13.74 -13.61
N GLU A 104 6.97 13.88 -13.24
CA GLU A 104 5.89 13.04 -13.76
C GLU A 104 5.04 13.87 -14.72
N ASN A 105 5.59 15.01 -15.15
CA ASN A 105 4.92 15.94 -16.04
C ASN A 105 3.74 16.65 -15.39
N GLY A 106 3.52 16.38 -14.11
CA GLY A 106 2.46 17.05 -13.39
C GLY A 106 2.86 18.49 -13.10
N THR A 107 1.88 19.39 -13.00
CA THR A 107 2.17 20.79 -12.71
C THR A 107 1.20 21.38 -11.70
N ALA A 108 1.61 22.50 -11.12
CA ALA A 108 0.81 23.22 -10.14
C ALA A 108 1.34 24.64 -10.04
N TYR A 109 0.59 25.53 -9.40
CA TYR A 109 1.03 26.90 -9.29
C TYR A 109 0.58 27.55 -7.99
N ALA A 110 1.23 28.65 -7.65
CA ALA A 110 0.89 29.42 -6.47
C ALA A 110 0.88 30.88 -6.91
N ARG A 111 -0.20 31.57 -6.58
CA ARG A 111 -0.35 32.98 -6.92
C ARG A 111 -0.44 33.78 -5.63
N TYR A 112 0.29 34.89 -5.57
CA TYR A 112 0.27 35.74 -4.39
C TYR A 112 -0.18 37.16 -4.77
N GLY A 113 -1.22 37.63 -4.09
CA GLY A 113 -1.77 38.94 -4.38
C GLY A 113 -0.84 40.13 -4.25
N SER A 114 0.18 40.00 -3.40
CA SER A 114 1.15 41.07 -3.23
C SER A 114 2.55 40.48 -3.06
N PHE A 115 3.54 41.12 -3.67
CA PHE A 115 4.92 40.66 -3.62
C PHE A 115 5.88 41.83 -3.77
N GLY A 116 6.92 41.85 -2.94
CA GLY A 116 7.91 42.91 -3.01
C GLY A 116 9.21 42.56 -2.31
N VAL A 117 10.29 43.20 -2.74
CA VAL A 117 11.61 42.97 -2.16
C VAL A 117 12.24 44.31 -1.77
N GLY A 118 12.56 44.45 -0.48
CA GLY A 118 13.17 45.67 0.03
C GLY A 118 12.35 46.90 -0.33
N LEU A 119 11.02 46.77 -0.25
CA LEU A 119 10.11 47.85 -0.61
C LEU A 119 10.32 49.22 0.02
N PHE A 120 10.72 49.26 1.29
CA PHE A 120 10.93 50.53 1.97
C PHE A 120 12.35 50.67 2.51
N SER A 121 13.24 49.80 2.05
CA SER A 121 14.63 49.84 2.51
C SER A 121 15.38 51.01 1.86
N VAL A 122 16.00 51.86 2.68
CA VAL A 122 16.75 52.99 2.14
C VAL A 122 17.86 52.44 1.25
N ASP A 123 18.54 51.42 1.75
CA ASP A 123 19.60 50.73 1.00
C ASP A 123 19.16 49.28 0.98
N PRO A 124 18.40 48.88 -0.04
CA PRO A 124 17.92 47.49 -0.15
C PRO A 124 18.98 46.42 0.04
N GLU A 125 20.19 46.65 -0.47
CA GLU A 125 21.24 45.64 -0.31
C GLU A 125 21.69 45.49 1.13
N GLU A 126 21.98 46.60 1.80
CA GLU A 126 22.42 46.52 3.18
C GLU A 126 21.30 46.00 4.08
N ASP A 127 20.06 46.29 3.71
CA ASP A 127 18.91 45.83 4.50
C ASP A 127 18.53 44.37 4.21
N GLY A 128 19.26 43.74 3.28
CA GLY A 128 19.01 42.35 2.96
C GLY A 128 17.82 42.01 2.06
N TYR A 129 17.37 42.96 1.24
CA TYR A 129 16.24 42.72 0.34
C TYR A 129 15.11 41.95 1.01
N PRO A 130 14.57 42.47 2.13
CA PRO A 130 13.48 41.80 2.85
C PRO A 130 12.26 41.47 1.99
N LEU A 131 11.72 40.27 2.19
CA LEU A 131 10.57 39.83 1.42
C LEU A 131 9.23 40.28 2.00
N THR A 132 8.32 40.66 1.12
CA THR A 132 6.96 41.04 1.50
C THR A 132 6.08 40.24 0.54
N VAL A 133 5.18 39.43 1.07
CA VAL A 133 4.31 38.63 0.23
C VAL A 133 3.07 38.19 1.02
N ALA A 134 1.93 38.15 0.34
CA ALA A 134 0.69 37.77 1.00
C ALA A 134 -0.38 37.41 -0.02
N ASP A 135 -1.54 37.00 0.50
CA ASP A 135 -2.71 36.64 -0.30
C ASP A 135 -2.49 35.50 -1.28
N TYR A 136 -2.43 34.27 -0.75
CA TYR A 136 -2.22 33.08 -1.56
C TYR A 136 -3.49 32.52 -2.19
N SER A 137 -3.31 31.82 -3.31
CA SER A 137 -4.39 31.15 -4.04
C SER A 137 -3.70 30.26 -5.08
N GLY A 138 -4.27 29.10 -5.39
CA GLY A 138 -3.67 28.24 -6.37
C GLY A 138 -3.87 26.74 -6.20
N THR A 139 -2.99 25.95 -6.83
CA THR A 139 -3.08 24.50 -6.75
C THR A 139 -1.87 23.82 -6.10
N ALA A 140 -0.75 24.54 -5.97
CA ALA A 140 0.45 23.98 -5.37
C ALA A 140 0.48 24.12 -3.85
N GLY A 141 -0.46 24.90 -3.31
CA GLY A 141 -0.48 25.10 -1.87
C GLY A 141 0.50 26.21 -1.53
N ASP A 142 0.36 26.80 -0.35
CA ASP A 142 1.25 27.88 0.05
C ASP A 142 2.50 27.42 0.77
N SER A 143 3.66 27.82 0.25
CA SER A 143 4.93 27.49 0.85
C SER A 143 5.82 28.73 0.94
N LEU A 144 5.21 29.91 0.85
CA LEU A 144 5.98 31.15 0.88
C LEU A 144 5.60 32.15 1.98
N LEU A 145 4.33 32.15 2.39
CA LEU A 145 3.85 33.09 3.41
C LEU A 145 4.67 33.16 4.70
N LYS A 146 5.14 32.02 5.19
CA LYS A 146 5.93 32.03 6.42
C LYS A 146 7.26 32.73 6.22
N HIS A 147 7.62 32.99 4.97
CA HIS A 147 8.87 33.65 4.65
C HIS A 147 8.73 35.17 4.59
N SER A 148 7.50 35.66 4.55
CA SER A 148 7.27 37.09 4.49
C SER A 148 7.98 37.80 5.64
N GLY A 149 8.60 38.93 5.35
CA GLY A 149 9.31 39.68 6.39
C GLY A 149 10.76 39.29 6.57
N MET A 150 11.17 38.15 6.00
CA MET A 150 12.56 37.70 6.14
C MET A 150 13.51 38.34 5.12
N ARG A 151 14.77 38.49 5.52
CA ARG A 151 15.80 39.05 4.64
C ARG A 151 16.32 37.90 3.77
N PHE A 152 17.02 38.22 2.70
CA PHE A 152 17.57 37.21 1.82
C PHE A 152 18.91 36.73 2.39
N THR A 153 19.11 35.42 2.40
CA THR A 153 20.34 34.84 2.94
C THR A 153 21.07 33.93 1.95
N THR A 154 22.38 34.11 1.85
CA THR A 154 23.22 33.29 0.98
C THR A 154 24.23 32.55 1.84
N LYS A 155 25.00 31.67 1.23
CA LYS A 155 26.00 30.90 1.97
C LYS A 155 27.07 31.79 2.60
N ASP A 156 27.24 33.00 2.08
CA ASP A 156 28.25 33.91 2.63
C ASP A 156 27.70 35.18 3.28
N ARG A 157 26.40 35.20 3.57
CA ARG A 157 25.79 36.35 4.23
C ARG A 157 24.51 35.91 4.93
N ASP A 158 24.67 35.58 6.22
CA ASP A 158 23.59 35.08 7.08
C ASP A 158 22.71 36.15 7.72
N SER A 159 21.45 36.20 7.34
CA SER A 159 20.49 37.15 7.92
C SER A 159 19.21 36.39 8.32
N ASP A 160 19.34 35.09 8.51
CA ASP A 160 18.18 34.27 8.86
C ASP A 160 17.95 34.17 10.37
N HIS A 161 16.96 33.37 10.76
CA HIS A 161 16.65 33.19 12.17
C HIS A 161 17.08 31.84 12.70
N SER A 162 18.15 31.30 12.13
CA SER A 162 18.67 30.01 12.57
C SER A 162 20.04 30.19 13.21
N GLU A 163 20.41 29.27 14.10
CA GLU A 163 21.70 29.32 14.77
C GLU A 163 22.81 29.07 13.77
N ASN A 164 22.44 28.48 12.64
CA ASN A 164 23.42 28.21 11.59
C ASN A 164 23.02 29.00 10.35
N ASN A 165 23.68 28.72 9.24
CA ASN A 165 23.38 29.41 7.99
C ASN A 165 22.46 28.53 7.15
N CYS A 166 21.19 28.91 7.08
CA CYS A 166 20.20 28.16 6.33
C CYS A 166 20.58 27.91 4.87
N ALA A 167 21.13 28.92 4.20
CA ALA A 167 21.53 28.79 2.80
C ALA A 167 22.53 27.66 2.61
N ALA A 168 23.54 27.62 3.47
CA ALA A 168 24.56 26.59 3.39
C ALA A 168 23.95 25.22 3.75
N PHE A 169 23.22 25.20 4.85
CA PHE A 169 22.60 23.97 5.34
C PHE A 169 21.69 23.32 4.30
N TYR A 170 20.83 24.13 3.66
CA TYR A 170 19.91 23.59 2.67
C TYR A 170 20.35 23.87 1.23
N ARG A 171 21.65 24.14 1.07
CA ARG A 171 22.25 24.37 -0.23
C ARG A 171 21.47 25.25 -1.21
N GLY A 172 21.06 26.43 -0.74
CA GLY A 172 20.31 27.33 -1.60
C GLY A 172 20.57 28.78 -1.28
N ALA A 173 19.58 29.62 -1.58
CA ALA A 173 19.64 31.06 -1.34
C ALA A 173 18.16 31.44 -1.27
N TRP A 174 17.74 32.04 -0.16
CA TRP A 174 16.32 32.34 0.00
C TRP A 174 16.07 33.27 1.17
N TRP A 175 14.81 33.66 1.32
CA TRP A 175 14.37 34.53 2.41
C TRP A 175 14.10 33.61 3.58
N TYR A 176 15.15 32.92 4.01
CA TYR A 176 15.11 31.96 5.10
C TYR A 176 14.69 32.48 6.47
N ARG A 177 13.95 31.65 7.19
CA ARG A 177 13.53 31.97 8.55
C ARG A 177 14.32 30.98 9.40
N ASN A 178 13.74 29.80 9.64
CA ASN A 178 14.43 28.77 10.42
C ASN A 178 13.88 27.37 10.18
N CYS A 179 14.00 26.87 8.94
CA CYS A 179 14.64 27.61 7.85
C CYS A 179 13.72 27.91 6.67
N HIS A 180 12.98 26.91 6.19
CA HIS A 180 12.11 27.15 5.04
C HIS A 180 10.94 26.19 4.82
N THR A 181 10.03 26.61 3.94
CA THR A 181 8.89 25.81 3.54
C THR A 181 9.00 25.69 2.02
N SER A 182 9.81 26.57 1.44
CA SER A 182 10.10 26.58 0.00
C SER A 182 11.60 26.82 -0.17
N ASN A 183 12.20 26.24 -1.21
CA ASN A 183 13.63 26.38 -1.44
C ASN A 183 13.91 26.20 -2.93
N LEU A 184 13.27 27.04 -3.74
CA LEU A 184 13.40 26.97 -5.20
C LEU A 184 14.77 27.23 -5.80
N ASN A 185 15.69 27.78 -5.02
CA ASN A 185 17.04 28.02 -5.53
C ASN A 185 17.99 26.96 -4.99
N GLY A 186 17.41 25.84 -4.54
CA GLY A 186 18.22 24.76 -4.00
C GLY A 186 18.88 23.92 -5.08
N GLN A 187 19.56 22.86 -4.67
CA GLN A 187 20.25 21.97 -5.61
C GLN A 187 19.25 21.25 -6.51
N TYR A 188 19.62 21.06 -7.78
CA TYR A 188 18.76 20.36 -8.73
C TYR A 188 19.03 18.86 -8.55
N LEU A 189 18.41 18.28 -7.53
CA LEU A 189 18.61 16.87 -7.21
C LEU A 189 17.81 15.88 -8.04
N ARG A 190 16.87 16.38 -8.83
CA ARG A 190 16.05 15.55 -9.72
C ARG A 190 15.16 14.51 -9.04
N GLY A 191 14.00 14.96 -8.56
CA GLY A 191 13.06 14.06 -7.92
C GLY A 191 13.33 13.72 -6.47
N ALA A 192 12.84 12.55 -6.06
CA ALA A 192 13.01 12.08 -4.69
C ALA A 192 14.49 11.99 -4.35
N HIS A 193 14.82 12.33 -3.12
CA HIS A 193 16.21 12.28 -2.67
C HIS A 193 16.28 12.04 -1.17
N ALA A 194 17.36 11.40 -0.73
CA ALA A 194 17.56 11.09 0.67
C ALA A 194 17.89 12.30 1.53
N SER A 195 18.74 13.18 1.03
CA SER A 195 19.10 14.38 1.79
C SER A 195 17.81 15.10 2.20
N TYR A 196 17.90 15.93 3.23
CA TYR A 196 16.71 16.62 3.72
C TYR A 196 16.50 18.06 3.27
N ALA A 197 15.40 18.27 2.55
CA ALA A 197 14.97 19.59 2.07
C ALA A 197 16.04 20.48 1.46
N ASP A 198 17.01 19.90 0.79
CA ASP A 198 18.07 20.70 0.18
C ASP A 198 18.05 20.70 -1.34
N GLY A 199 16.88 20.42 -1.92
CA GLY A 199 16.74 20.43 -3.36
C GLY A 199 15.81 21.57 -3.76
N VAL A 200 15.24 21.51 -4.96
CA VAL A 200 14.30 22.53 -5.42
C VAL A 200 12.95 22.16 -4.81
N GLU A 201 12.75 22.52 -3.55
CA GLU A 201 11.53 22.16 -2.83
C GLU A 201 10.41 23.18 -2.73
N TRP A 202 9.18 22.65 -2.67
CA TRP A 202 7.97 23.43 -2.47
C TRP A 202 7.15 22.45 -1.63
N SER A 203 7.44 22.44 -0.33
CA SER A 203 6.83 21.51 0.62
C SER A 203 5.33 21.25 0.56
N SER A 204 4.52 22.31 0.49
CA SER A 204 3.08 22.15 0.45
C SER A 204 2.60 21.26 -0.68
N TRP A 205 3.41 21.13 -1.74
CA TRP A 205 3.00 20.31 -2.86
C TRP A 205 3.69 18.96 -2.94
N THR A 206 5.03 18.97 -3.00
CA THR A 206 5.78 17.73 -3.12
C THR A 206 6.58 17.31 -1.88
N GLY A 207 6.37 18.00 -0.77
CA GLY A 207 7.09 17.62 0.45
C GLY A 207 8.47 18.21 0.62
N TRP A 208 9.23 17.61 1.54
CA TRP A 208 10.58 18.07 1.86
C TRP A 208 11.70 17.26 1.25
N GLN A 209 11.38 16.21 0.52
CA GLN A 209 12.41 15.38 -0.09
C GLN A 209 12.15 15.07 -1.54
N TYR A 210 11.84 16.12 -2.30
CA TYR A 210 11.58 15.95 -3.72
C TYR A 210 11.99 17.23 -4.46
N SER A 211 13.04 17.13 -5.25
CA SER A 211 13.56 18.26 -6.01
C SER A 211 12.83 18.36 -7.34
N LEU A 212 12.04 19.43 -7.48
CA LEU A 212 11.26 19.64 -8.69
C LEU A 212 12.08 19.75 -9.97
N LYS A 213 11.42 19.46 -11.08
CA LYS A 213 12.06 19.51 -12.40
C LYS A 213 12.02 20.91 -12.98
N PHE A 214 10.94 21.63 -12.69
CA PHE A 214 10.77 22.98 -13.22
C PHE A 214 10.11 23.95 -12.24
N SER A 215 10.55 25.20 -12.29
CA SER A 215 10.00 26.25 -11.45
C SER A 215 10.25 27.56 -12.17
N GLU A 216 9.32 28.49 -12.02
CA GLU A 216 9.44 29.79 -12.64
C GLU A 216 8.74 30.79 -11.74
N MET A 217 9.42 31.87 -11.40
CA MET A 217 8.84 32.89 -10.55
C MET A 217 8.71 34.13 -11.42
N LYS A 218 7.54 34.76 -11.38
CA LYS A 218 7.32 35.94 -12.19
C LYS A 218 6.34 36.92 -11.56
N ILE A 219 6.37 38.17 -12.01
CA ILE A 219 5.52 39.20 -11.46
C ILE A 219 4.77 40.00 -12.52
N ARG A 220 3.66 40.61 -12.07
CA ARG A 220 2.83 41.42 -12.94
C ARG A 220 2.13 42.46 -12.07
N PRO A 221 2.03 43.70 -12.56
CA PRO A 221 1.36 44.74 -11.77
C PRO A 221 -0.01 44.27 -11.26
N VAL A 222 -0.24 44.45 -9.97
CA VAL A 222 -1.51 44.05 -9.36
C VAL A 222 -2.62 44.94 -9.88
N ARG A 223 -2.33 46.24 -9.96
CA ARG A 223 -3.28 47.23 -10.42
C ARG A 223 -2.54 48.33 -11.20
N SER B 4 -17.92 -26.52 -17.70
CA SER B 4 -17.04 -27.69 -18.03
C SER B 4 -16.00 -27.92 -16.94
N ARG B 5 -15.66 -26.87 -16.21
CA ARG B 5 -14.68 -26.97 -15.13
C ARG B 5 -15.19 -26.53 -13.76
N PRO B 6 -16.06 -27.34 -13.15
CA PRO B 6 -16.59 -26.97 -11.83
C PRO B 6 -15.42 -26.97 -10.84
N ARG B 7 -15.39 -25.97 -9.95
CA ARG B 7 -14.31 -25.87 -8.97
C ARG B 7 -14.51 -26.77 -7.77
N ASP B 8 -15.75 -27.21 -7.57
CA ASP B 8 -16.10 -28.10 -6.45
C ASP B 8 -17.48 -28.70 -6.68
N CYS B 9 -17.94 -29.50 -5.73
CA CYS B 9 -19.23 -30.15 -5.83
C CYS B 9 -20.45 -29.21 -5.91
N LEU B 10 -20.31 -27.97 -5.43
CA LEU B 10 -21.43 -27.05 -5.52
C LEU B 10 -21.62 -26.69 -7.00
N ASP B 11 -20.51 -26.39 -7.68
CA ASP B 11 -20.58 -26.05 -9.11
C ASP B 11 -21.19 -27.25 -9.85
N VAL B 12 -20.75 -28.46 -9.48
CA VAL B 12 -21.26 -29.68 -10.12
C VAL B 12 -22.78 -29.75 -9.97
N LEU B 13 -23.28 -29.48 -8.77
CA LEU B 13 -24.72 -29.52 -8.49
C LEU B 13 -25.48 -28.46 -9.28
N LEU B 14 -25.05 -27.22 -9.19
CA LEU B 14 -25.71 -26.13 -9.88
C LEU B 14 -25.71 -26.30 -11.40
N SER B 15 -24.82 -27.14 -11.92
CA SER B 15 -24.74 -27.38 -13.35
C SER B 15 -25.80 -28.42 -13.77
N GLY B 16 -26.48 -29.01 -12.79
CA GLY B 16 -27.50 -29.99 -13.11
C GLY B 16 -27.30 -31.41 -12.62
N GLN B 17 -26.12 -31.71 -12.07
CA GLN B 17 -25.83 -33.05 -11.54
C GLN B 17 -26.38 -33.17 -10.13
N GLN B 18 -27.50 -33.89 -9.99
CA GLN B 18 -28.15 -34.02 -8.68
C GLN B 18 -27.91 -35.31 -7.89
N ASP B 19 -27.29 -36.31 -8.51
CA ASP B 19 -27.04 -37.58 -7.81
C ASP B 19 -25.71 -37.60 -7.05
N ASP B 20 -25.70 -38.26 -5.90
CA ASP B 20 -24.47 -38.39 -5.12
C ASP B 20 -23.55 -39.26 -5.98
N GLY B 21 -22.24 -39.07 -5.83
CA GLY B 21 -21.30 -39.88 -6.59
C GLY B 21 -19.97 -39.21 -6.81
N VAL B 22 -19.15 -39.82 -7.65
CA VAL B 22 -17.82 -39.32 -7.95
C VAL B 22 -17.86 -38.38 -9.16
N TYR B 23 -17.23 -37.22 -9.02
CA TYR B 23 -17.18 -36.22 -10.08
C TYR B 23 -15.82 -35.55 -10.14
N SER B 24 -15.49 -35.00 -11.30
CA SER B 24 -14.23 -34.30 -11.50
C SER B 24 -14.39 -32.82 -11.09
N VAL B 25 -13.46 -32.30 -10.31
CA VAL B 25 -13.50 -30.89 -9.92
C VAL B 25 -12.14 -30.26 -10.25
N PHE B 26 -12.12 -28.96 -10.45
CA PHE B 26 -10.90 -28.29 -10.85
C PHE B 26 -10.61 -27.03 -10.03
N PRO B 27 -9.96 -27.19 -8.87
CA PRO B 27 -9.65 -26.02 -8.02
C PRO B 27 -8.82 -24.98 -8.75
N THR B 28 -8.95 -23.73 -8.33
CA THR B 28 -8.24 -22.61 -8.94
C THR B 28 -6.74 -22.80 -9.14
N HIS B 29 -6.04 -23.27 -8.11
CA HIS B 29 -4.60 -23.45 -8.22
C HIS B 29 -4.19 -24.92 -8.32
N TYR B 30 -5.11 -25.74 -8.82
CA TYR B 30 -4.86 -27.17 -9.03
C TYR B 30 -5.59 -27.50 -10.34
N PRO B 31 -5.22 -26.80 -11.43
CA PRO B 31 -5.80 -26.93 -12.78
C PRO B 31 -5.97 -28.35 -13.33
N ALA B 32 -5.05 -29.25 -13.01
CA ALA B 32 -5.15 -30.63 -13.46
C ALA B 32 -6.47 -31.22 -12.96
N GLY B 33 -6.88 -30.79 -11.77
CA GLY B 33 -8.10 -31.29 -11.19
C GLY B 33 -7.95 -32.70 -10.65
N PHE B 34 -9.04 -33.25 -10.12
CA PHE B 34 -9.05 -34.59 -9.57
C PHE B 34 -10.49 -34.98 -9.27
N GLN B 35 -10.73 -36.25 -8.93
CA GLN B 35 -12.08 -36.69 -8.62
C GLN B 35 -12.36 -36.67 -7.12
N VAL B 36 -13.62 -36.43 -6.77
CA VAL B 36 -14.05 -36.40 -5.37
C VAL B 36 -15.44 -37.00 -5.28
N TYR B 37 -15.87 -37.35 -4.07
CA TYR B 37 -17.22 -37.87 -3.90
C TYR B 37 -18.06 -36.67 -3.49
N CYS B 38 -19.17 -36.48 -4.21
CA CYS B 38 -20.06 -35.36 -3.94
C CYS B 38 -21.34 -35.78 -3.22
N ASP B 39 -21.67 -35.05 -2.16
CA ASP B 39 -22.89 -35.31 -1.39
C ASP B 39 -23.88 -34.27 -1.88
N MET B 40 -24.85 -34.70 -2.69
CA MET B 40 -25.86 -33.81 -3.25
C MET B 40 -27.20 -33.80 -2.51
N ARG B 41 -27.23 -34.29 -1.28
CA ARG B 41 -28.47 -34.33 -0.53
C ARG B 41 -28.49 -33.50 0.74
N THR B 42 -27.38 -33.48 1.47
CA THR B 42 -27.30 -32.74 2.73
C THR B 42 -27.54 -31.25 2.65
N ASP B 43 -28.57 -30.79 3.36
CA ASP B 43 -28.94 -29.37 3.41
C ASP B 43 -28.95 -28.68 2.06
N GLY B 44 -29.55 -29.34 1.07
CA GLY B 44 -29.60 -28.76 -0.27
C GLY B 44 -28.56 -29.37 -1.20
N GLY B 45 -27.51 -29.96 -0.63
CA GLY B 45 -26.47 -30.59 -1.42
C GLY B 45 -25.32 -29.70 -1.86
N GLY B 46 -24.38 -30.30 -2.60
CA GLY B 46 -23.24 -29.55 -3.08
C GLY B 46 -22.03 -29.63 -2.18
N TRP B 47 -21.94 -30.68 -1.38
CA TRP B 47 -20.82 -30.86 -0.46
C TRP B 47 -19.71 -31.71 -1.05
N THR B 48 -18.46 -31.28 -0.87
CA THR B 48 -17.31 -32.03 -1.36
C THR B 48 -16.72 -32.82 -0.19
N VAL B 49 -16.78 -34.14 -0.27
CA VAL B 49 -16.26 -35.01 0.79
C VAL B 49 -14.74 -35.09 0.75
N PHE B 50 -14.10 -35.10 1.92
CA PHE B 50 -12.66 -35.24 1.99
C PHE B 50 -12.22 -36.29 3.01
N GLN B 51 -13.19 -36.84 3.74
CA GLN B 51 -12.94 -37.90 4.72
C GLN B 51 -14.18 -38.76 4.98
N ARG B 52 -13.98 -40.07 5.09
CA ARG B 52 -15.07 -40.99 5.36
C ARG B 52 -14.59 -42.25 6.07
N ARG B 53 -15.33 -42.64 7.10
CA ARG B 53 -15.06 -43.86 7.87
C ARG B 53 -16.43 -44.55 7.84
N GLU B 54 -16.46 -45.87 7.66
CA GLU B 54 -17.74 -46.58 7.63
C GLU B 54 -17.68 -48.06 7.94
N ASP B 55 -16.49 -48.65 7.94
CA ASP B 55 -16.40 -50.08 8.21
C ASP B 55 -15.05 -50.56 8.70
N GLY B 56 -14.08 -49.66 8.78
CA GLY B 56 -12.75 -50.02 9.25
C GLY B 56 -11.93 -50.85 8.27
N SER B 57 -12.29 -50.82 7.00
CA SER B 57 -11.56 -51.57 5.99
C SER B 57 -10.24 -50.91 5.57
N VAL B 58 -10.11 -49.62 5.85
CA VAL B 58 -8.89 -48.91 5.47
C VAL B 58 -8.04 -48.52 6.68
N ASN B 59 -6.73 -48.63 6.54
CA ASN B 59 -5.82 -48.27 7.61
C ASN B 59 -5.63 -46.74 7.61
N PHE B 60 -5.98 -46.10 8.72
CA PHE B 60 -5.85 -44.65 8.82
C PHE B 60 -4.64 -44.23 9.63
N PHE B 61 -3.91 -45.20 10.18
CA PHE B 61 -2.74 -44.88 10.98
C PHE B 61 -1.57 -44.75 10.01
N ARG B 62 -1.66 -43.76 9.12
CA ARG B 62 -0.67 -43.51 8.09
C ARG B 62 0.26 -42.34 8.41
N GLY B 63 1.36 -42.26 7.68
CA GLY B 63 2.33 -41.20 7.88
C GLY B 63 2.03 -39.90 7.18
N TRP B 64 2.94 -38.94 7.34
CA TRP B 64 2.80 -37.62 6.74
C TRP B 64 2.56 -37.59 5.24
N ASP B 65 3.35 -38.34 4.47
CA ASP B 65 3.17 -38.34 3.02
C ASP B 65 1.78 -38.81 2.62
N ALA B 66 1.28 -39.83 3.31
CA ALA B 66 -0.03 -40.39 3.03
C ALA B 66 -1.15 -39.38 3.33
N TYR B 67 -1.03 -38.65 4.43
CA TYR B 67 -2.05 -37.67 4.75
C TYR B 67 -1.94 -36.45 3.86
N ARG B 68 -0.77 -36.25 3.24
CA ARG B 68 -0.58 -35.14 2.32
C ARG B 68 -1.17 -35.51 0.94
N ASP B 69 -0.85 -36.70 0.45
CA ASP B 69 -1.31 -37.14 -0.87
C ASP B 69 -2.63 -37.90 -0.92
N GLY B 70 -3.16 -38.28 0.24
CA GLY B 70 -4.43 -39.00 0.27
C GLY B 70 -4.34 -40.51 0.14
N PHE B 71 -5.38 -41.21 0.58
CA PHE B 71 -5.41 -42.65 0.50
C PHE B 71 -6.84 -43.19 0.57
N GLY B 72 -7.02 -44.46 0.25
CA GLY B 72 -8.34 -45.05 0.27
C GLY B 72 -9.06 -44.87 -1.06
N ARG B 73 -10.35 -45.15 -1.08
CA ARG B 73 -11.15 -45.03 -2.29
C ARG B 73 -12.33 -44.09 -2.11
N LEU B 74 -12.60 -43.31 -3.15
CA LEU B 74 -13.68 -42.32 -3.12
C LEU B 74 -15.07 -42.87 -2.82
N THR B 75 -15.29 -44.13 -3.20
CA THR B 75 -16.57 -44.79 -2.99
C THR B 75 -16.64 -45.47 -1.62
N GLY B 76 -15.55 -45.43 -0.87
CA GLY B 76 -15.52 -46.05 0.44
C GLY B 76 -14.80 -45.17 1.43
N GLU B 77 -14.03 -45.79 2.33
CA GLU B 77 -13.28 -45.05 3.33
C GLU B 77 -12.08 -44.40 2.65
N HIS B 78 -11.85 -43.13 2.95
CA HIS B 78 -10.73 -42.42 2.34
C HIS B 78 -10.40 -41.10 3.00
N TRP B 79 -9.26 -40.55 2.60
CA TRP B 79 -8.78 -39.25 3.05
C TRP B 79 -8.31 -38.62 1.76
N LEU B 80 -8.98 -37.54 1.35
CA LEU B 80 -8.66 -36.89 0.09
C LEU B 80 -7.21 -36.39 -0.04
N GLY B 81 -6.58 -36.05 1.07
CA GLY B 81 -5.22 -35.56 1.03
C GLY B 81 -5.18 -34.07 1.32
N LEU B 82 -4.32 -33.66 2.26
CA LEU B 82 -4.22 -32.26 2.65
C LEU B 82 -3.88 -31.31 1.51
N LYS B 83 -3.08 -31.76 0.54
CA LYS B 83 -2.73 -30.88 -0.58
C LYS B 83 -3.99 -30.55 -1.37
N ARG B 84 -4.93 -31.48 -1.44
CA ARG B 84 -6.18 -31.22 -2.17
C ARG B 84 -7.14 -30.39 -1.33
N ILE B 85 -7.18 -30.66 -0.03
CA ILE B 85 -8.06 -29.92 0.86
C ILE B 85 -7.61 -28.45 0.87
N HIS B 86 -6.29 -28.25 0.81
CA HIS B 86 -5.73 -26.91 0.78
C HIS B 86 -6.14 -26.21 -0.52
N ALA B 87 -5.98 -26.90 -1.65
CA ALA B 87 -6.33 -26.31 -2.94
C ALA B 87 -7.80 -25.93 -2.98
N LEU B 88 -8.63 -26.74 -2.35
CA LEU B 88 -10.06 -26.47 -2.32
C LEU B 88 -10.41 -25.32 -1.40
N THR B 89 -9.98 -25.39 -0.14
CA THR B 89 -10.33 -24.35 0.84
C THR B 89 -9.71 -22.96 0.66
N THR B 90 -8.71 -22.82 -0.20
CA THR B 90 -8.10 -21.51 -0.41
C THR B 90 -8.71 -20.77 -1.61
N GLN B 91 -9.51 -21.47 -2.41
CA GLN B 91 -10.10 -20.85 -3.58
C GLN B 91 -11.37 -20.05 -3.28
N ALA B 92 -11.95 -20.26 -2.10
CA ALA B 92 -13.14 -19.55 -1.66
C ALA B 92 -13.34 -19.83 -0.17
N ALA B 93 -14.33 -19.17 0.43
CA ALA B 93 -14.60 -19.38 1.86
C ALA B 93 -15.58 -20.53 2.00
N TYR B 94 -15.12 -21.63 2.61
CA TYR B 94 -15.95 -22.80 2.78
C TYR B 94 -16.38 -23.04 4.22
N GLU B 95 -17.45 -23.81 4.38
CA GLU B 95 -17.91 -24.18 5.70
C GLU B 95 -17.75 -25.70 5.75
N LEU B 96 -17.63 -26.23 6.95
CA LEU B 96 -17.45 -27.65 7.15
C LEU B 96 -18.66 -28.33 7.77
N HIS B 97 -19.01 -29.49 7.25
CA HIS B 97 -20.12 -30.27 7.77
C HIS B 97 -19.58 -31.65 8.12
N VAL B 98 -19.86 -32.09 9.34
CA VAL B 98 -19.40 -33.40 9.80
C VAL B 98 -20.59 -34.27 10.17
N ASP B 99 -20.74 -35.41 9.49
CA ASP B 99 -21.82 -36.35 9.77
C ASP B 99 -21.28 -37.51 10.59
N LEU B 100 -22.00 -37.87 11.64
CA LEU B 100 -21.58 -38.96 12.52
C LEU B 100 -22.72 -39.94 12.78
N GLU B 101 -22.36 -41.17 13.11
CA GLU B 101 -23.33 -42.22 13.41
C GLU B 101 -22.69 -43.25 14.32
N ASP B 102 -23.44 -43.69 15.33
CA ASP B 102 -22.94 -44.70 16.25
C ASP B 102 -23.43 -46.07 15.77
N PHE B 103 -23.28 -47.09 16.62
CA PHE B 103 -23.69 -48.44 16.24
C PHE B 103 -25.09 -48.79 16.71
N GLU B 104 -25.86 -47.79 17.12
CA GLU B 104 -27.22 -48.01 17.59
C GLU B 104 -28.25 -47.26 16.76
N ASN B 105 -27.93 -47.02 15.49
CA ASN B 105 -28.82 -46.30 14.59
C ASN B 105 -28.99 -44.84 14.95
N GLY B 106 -28.07 -44.29 15.74
CA GLY B 106 -28.16 -42.89 16.11
C GLY B 106 -27.29 -42.04 15.20
N THR B 107 -27.69 -40.79 14.98
CA THR B 107 -26.94 -39.88 14.11
C THR B 107 -26.91 -38.47 14.68
N ALA B 108 -25.91 -37.70 14.26
CA ALA B 108 -25.74 -36.31 14.69
C ALA B 108 -24.80 -35.61 13.72
N TYR B 109 -24.69 -34.30 13.85
CA TYR B 109 -23.80 -33.54 12.97
C TYR B 109 -23.25 -32.29 13.63
N ALA B 110 -22.19 -31.76 13.03
CA ALA B 110 -21.55 -30.55 13.52
C ALA B 110 -21.25 -29.70 12.30
N ARG B 111 -21.69 -28.45 12.32
CA ARG B 111 -21.46 -27.53 11.21
C ARG B 111 -20.63 -26.35 11.67
N TYR B 112 -19.62 -26.02 10.87
CA TYR B 112 -18.76 -24.88 11.16
C TYR B 112 -18.84 -23.94 9.98
N GLY B 113 -19.22 -22.69 10.27
CA GLY B 113 -19.36 -21.69 9.21
C GLY B 113 -18.08 -21.25 8.54
N SER B 114 -16.95 -21.58 9.15
CA SER B 114 -15.65 -21.21 8.58
C SER B 114 -14.68 -22.39 8.71
N PHE B 115 -13.99 -22.72 7.62
CA PHE B 115 -13.05 -23.85 7.61
C PHE B 115 -12.01 -23.77 6.50
N GLY B 116 -10.77 -24.14 6.85
CA GLY B 116 -9.70 -24.13 5.87
C GLY B 116 -8.41 -24.70 6.42
N VAL B 117 -7.49 -25.10 5.54
CA VAL B 117 -6.21 -25.63 5.97
C VAL B 117 -5.08 -24.88 5.26
N GLY B 118 -4.13 -24.38 6.05
CA GLY B 118 -3.00 -23.64 5.50
C GLY B 118 -3.42 -22.48 4.61
N LEU B 119 -4.48 -21.78 5.00
CA LEU B 119 -5.03 -20.66 4.22
C LEU B 119 -4.14 -19.54 3.68
N PHE B 120 -3.16 -19.09 4.46
CA PHE B 120 -2.29 -18.00 3.99
C PHE B 120 -0.83 -18.42 3.96
N SER B 121 -0.60 -19.72 4.11
CA SER B 121 0.75 -20.26 4.13
C SER B 121 1.37 -20.20 2.73
N VAL B 122 2.56 -19.63 2.62
CA VAL B 122 3.24 -19.57 1.33
C VAL B 122 3.64 -21.01 1.01
N ASP B 123 4.00 -21.77 2.04
CA ASP B 123 4.35 -23.17 1.89
C ASP B 123 3.46 -23.90 2.88
N PRO B 124 2.27 -24.30 2.44
CA PRO B 124 1.34 -25.01 3.33
C PRO B 124 1.87 -26.30 3.94
N GLU B 125 2.61 -27.09 3.17
CA GLU B 125 3.16 -28.33 3.71
C GLU B 125 4.14 -28.04 4.84
N GLU B 126 5.11 -27.16 4.59
CA GLU B 126 6.09 -26.83 5.62
C GLU B 126 5.40 -26.24 6.84
N ASP B 127 4.32 -25.49 6.61
CA ASP B 127 3.57 -24.87 7.71
C ASP B 127 2.70 -25.88 8.45
N GLY B 128 2.65 -27.12 7.95
CA GLY B 128 1.86 -28.15 8.60
C GLY B 128 0.36 -28.10 8.37
N TYR B 129 -0.07 -27.52 7.25
CA TYR B 129 -1.49 -27.42 6.92
C TYR B 129 -2.34 -27.01 8.13
N PRO B 130 -1.96 -25.91 8.79
CA PRO B 130 -2.70 -25.43 9.97
C PRO B 130 -4.21 -25.28 9.75
N LEU B 131 -4.96 -25.69 10.76
CA LEU B 131 -6.42 -25.65 10.72
C LEU B 131 -7.06 -24.31 11.07
N THR B 132 -8.04 -23.92 10.27
CA THR B 132 -8.80 -22.71 10.50
C THR B 132 -10.25 -23.20 10.61
N VAL B 133 -10.87 -23.00 11.76
CA VAL B 133 -12.24 -23.44 11.93
C VAL B 133 -12.96 -22.54 12.96
N ALA B 134 -14.24 -22.27 12.71
CA ALA B 134 -15.00 -21.42 13.62
C ALA B 134 -16.50 -21.41 13.32
N ASP B 135 -17.25 -20.79 14.22
CA ASP B 135 -18.70 -20.65 14.08
C ASP B 135 -19.42 -21.99 14.03
N TYR B 136 -19.59 -22.59 15.21
CA TYR B 136 -20.24 -23.89 15.33
C TYR B 136 -21.74 -23.87 15.63
N SER B 137 -22.42 -24.92 15.17
CA SER B 137 -23.84 -25.14 15.40
C SER B 137 -24.08 -26.60 15.02
N GLY B 138 -24.96 -27.29 15.74
CA GLY B 138 -25.22 -28.67 15.42
C GLY B 138 -25.83 -29.46 16.56
N THR B 139 -25.93 -30.77 16.38
CA THR B 139 -26.51 -31.66 17.38
C THR B 139 -25.52 -32.63 18.00
N ALA B 140 -24.29 -32.64 17.47
CA ALA B 140 -23.27 -33.54 17.99
C ALA B 140 -22.38 -32.83 19.01
N GLY B 141 -22.59 -31.51 19.15
CA GLY B 141 -21.78 -30.74 20.07
C GLY B 141 -20.46 -30.45 19.39
N ASP B 142 -19.77 -29.40 19.83
CA ASP B 142 -18.49 -29.02 19.25
C ASP B 142 -17.28 -29.73 19.86
N SER B 143 -16.50 -30.39 19.02
CA SER B 143 -15.29 -31.10 19.46
C SER B 143 -14.14 -30.74 18.52
N LEU B 144 -14.26 -29.62 17.83
CA LEU B 144 -13.23 -29.22 16.88
C LEU B 144 -12.65 -27.82 17.09
N LEU B 145 -13.44 -26.90 17.65
CA LEU B 145 -12.96 -25.52 17.85
C LEU B 145 -11.66 -25.39 18.63
N LYS B 146 -11.43 -26.29 19.59
CA LYS B 146 -10.21 -26.22 20.37
C LYS B 146 -8.98 -26.58 19.53
N HIS B 147 -9.23 -27.19 18.37
CA HIS B 147 -8.15 -27.60 17.48
C HIS B 147 -7.78 -26.46 16.52
N SER B 148 -8.56 -25.40 16.53
CA SER B 148 -8.31 -24.28 15.64
C SER B 148 -6.91 -23.72 15.83
N GLY B 149 -6.22 -23.48 14.72
CA GLY B 149 -4.87 -22.94 14.79
C GLY B 149 -3.78 -23.98 14.90
N MET B 150 -4.14 -25.23 15.16
CA MET B 150 -3.15 -26.29 15.29
C MET B 150 -2.70 -26.82 13.93
N ARG B 151 -1.44 -27.24 13.86
CA ARG B 151 -0.89 -27.81 12.64
C ARG B 151 -1.29 -29.28 12.61
N PHE B 152 -1.20 -29.93 11.46
CA PHE B 152 -1.55 -31.33 11.34
C PHE B 152 -0.38 -32.18 11.83
N THR B 153 -0.66 -33.19 12.63
CA THR B 153 0.38 -34.05 13.17
C THR B 153 0.12 -35.52 12.85
N THR B 154 1.19 -36.22 12.47
CA THR B 154 1.12 -37.65 12.15
C THR B 154 2.17 -38.39 12.99
N LYS B 155 2.08 -39.72 13.02
CA LYS B 155 3.01 -40.53 13.79
C LYS B 155 4.48 -40.26 13.48
N ASP B 156 4.77 -39.77 12.27
CA ASP B 156 6.16 -39.49 11.90
C ASP B 156 6.48 -38.00 11.77
N ARG B 157 5.57 -37.14 12.21
CA ARG B 157 5.82 -35.70 12.16
C ARG B 157 5.02 -34.97 13.23
N ASP B 158 5.70 -34.69 14.34
CA ASP B 158 5.13 -34.05 15.52
C ASP B 158 5.14 -32.51 15.49
N SER B 159 3.95 -31.92 15.51
CA SER B 159 3.83 -30.47 15.51
C SER B 159 2.77 -30.07 16.54
N ASP B 160 2.44 -31.00 17.44
CA ASP B 160 1.42 -30.74 18.44
C ASP B 160 1.95 -30.01 19.67
N HIS B 161 1.06 -29.75 20.64
CA HIS B 161 1.44 -29.06 21.86
C HIS B 161 1.58 -30.04 23.01
N SER B 162 1.83 -31.29 22.68
CA SER B 162 1.97 -32.32 23.70
C SER B 162 3.40 -32.77 23.90
N GLU B 163 3.65 -33.32 25.09
CA GLU B 163 4.97 -33.82 25.45
C GLU B 163 5.25 -35.06 24.59
N ASN B 164 4.18 -35.78 24.25
CA ASN B 164 4.29 -36.98 23.43
C ASN B 164 3.90 -36.64 22.00
N ASN B 165 3.75 -37.67 21.18
CA ASN B 165 3.31 -37.47 19.81
C ASN B 165 1.86 -37.91 19.87
N CYS B 166 0.96 -36.95 19.84
CA CYS B 166 -0.47 -37.25 19.93
C CYS B 166 -0.96 -38.27 18.91
N ALA B 167 -0.46 -38.19 17.69
CA ALA B 167 -0.87 -39.12 16.63
C ALA B 167 -0.55 -40.55 17.04
N ALA B 168 0.68 -40.77 17.50
CA ALA B 168 1.10 -42.10 17.92
C ALA B 168 0.31 -42.55 19.16
N PHE B 169 0.19 -41.66 20.15
CA PHE B 169 -0.51 -41.98 21.38
C PHE B 169 -1.99 -42.34 21.19
N TYR B 170 -2.68 -41.59 20.36
CA TYR B 170 -4.10 -41.87 20.13
C TYR B 170 -4.37 -42.58 18.79
N ARG B 171 -3.31 -43.18 18.26
CA ARG B 171 -3.40 -43.93 17.01
C ARG B 171 -4.21 -43.26 15.90
N GLY B 172 -3.84 -42.03 15.57
CA GLY B 172 -4.54 -41.31 14.52
C GLY B 172 -3.65 -40.30 13.82
N ALA B 173 -4.28 -39.25 13.30
CA ALA B 173 -3.61 -38.16 12.58
C ALA B 173 -4.64 -37.05 12.63
N TRP B 174 -4.25 -35.86 13.09
CA TRP B 174 -5.21 -34.78 13.26
C TRP B 174 -4.47 -33.49 13.62
N TRP B 175 -5.21 -32.40 13.76
CA TRP B 175 -4.62 -31.11 14.13
C TRP B 175 -4.59 -31.12 15.65
N TYR B 176 -3.84 -32.06 16.20
CA TYR B 176 -3.71 -32.25 17.64
C TYR B 176 -3.17 -31.06 18.41
N ARG B 177 -3.65 -30.90 19.64
CA ARG B 177 -3.19 -29.84 20.51
C ARG B 177 -2.47 -30.55 21.65
N ASN B 178 -3.23 -30.98 22.66
CA ASN B 178 -2.66 -31.69 23.79
C ASN B 178 -3.72 -32.43 24.61
N CYS B 179 -4.39 -33.41 23.99
CA CYS B 179 -4.16 -33.78 22.60
C CYS B 179 -5.35 -33.52 21.70
N HIS B 180 -6.54 -33.96 22.11
CA HIS B 180 -7.71 -33.77 21.26
C HIS B 180 -9.08 -33.87 21.95
N THR B 181 -10.10 -33.46 21.19
CA THR B 181 -11.49 -33.53 21.62
C THR B 181 -12.20 -34.33 20.52
N SER B 182 -11.57 -34.39 19.35
CA SER B 182 -12.08 -35.16 18.20
C SER B 182 -10.90 -35.97 17.62
N ASN B 183 -11.19 -37.16 17.10
CA ASN B 183 -10.14 -38.04 16.56
C ASN B 183 -10.74 -38.93 15.46
N LEU B 184 -11.38 -38.31 14.48
CA LEU B 184 -12.04 -39.06 13.41
C LEU B 184 -11.14 -39.94 12.55
N ASN B 185 -9.84 -39.69 12.58
CA ASN B 185 -8.91 -40.52 11.82
C ASN B 185 -8.26 -41.57 12.73
N GLY B 186 -8.94 -41.89 13.83
CA GLY B 186 -8.43 -42.88 14.76
C GLY B 186 -8.70 -44.33 14.39
N GLN B 187 -8.34 -45.25 15.29
CA GLN B 187 -8.55 -46.67 15.04
C GLN B 187 -10.04 -46.98 15.04
N TYR B 188 -10.45 -47.84 14.11
CA TYR B 188 -11.86 -48.22 14.02
C TYR B 188 -12.09 -49.30 15.09
N LEU B 189 -12.30 -48.88 16.33
CA LEU B 189 -12.49 -49.82 17.43
C LEU B 189 -13.88 -50.42 17.56
N ARG B 190 -14.81 -49.95 16.73
CA ARG B 190 -16.19 -50.45 16.72
C ARG B 190 -16.97 -50.27 18.02
N GLY B 191 -17.38 -49.03 18.30
CA GLY B 191 -18.15 -48.75 19.49
C GLY B 191 -17.39 -48.67 20.80
N ALA B 192 -18.04 -49.14 21.87
CA ALA B 192 -17.46 -49.12 23.20
C ALA B 192 -16.12 -49.85 23.28
N HIS B 193 -15.13 -49.20 23.88
CA HIS B 193 -13.80 -49.79 24.05
C HIS B 193 -13.17 -49.32 25.36
N ALA B 194 -12.34 -50.18 25.95
CA ALA B 194 -11.67 -49.89 27.21
C ALA B 194 -10.58 -48.83 27.08
N SER B 195 -9.82 -48.88 25.99
CA SER B 195 -8.74 -47.91 25.78
C SER B 195 -9.32 -46.49 25.82
N TYR B 196 -8.47 -45.53 26.17
CA TYR B 196 -8.91 -44.14 26.28
C TYR B 196 -8.68 -43.25 25.05
N ALA B 197 -9.78 -42.75 24.50
CA ALA B 197 -9.79 -41.82 23.37
C ALA B 197 -8.92 -42.13 22.15
N ASP B 198 -8.65 -43.40 21.89
CA ASP B 198 -7.81 -43.74 20.75
C ASP B 198 -8.57 -44.35 19.56
N GLY B 199 -9.88 -44.14 19.53
CA GLY B 199 -10.67 -44.66 18.43
C GLY B 199 -11.23 -43.50 17.61
N VAL B 200 -12.27 -43.76 16.81
CA VAL B 200 -12.91 -42.71 16.02
C VAL B 200 -13.82 -41.93 16.97
N GLU B 201 -13.25 -40.96 17.68
CA GLU B 201 -14.02 -40.20 18.67
C GLU B 201 -14.44 -38.78 18.28
N TRP B 202 -15.51 -38.35 18.95
CA TRP B 202 -16.06 -37.01 18.84
C TRP B 202 -16.60 -36.89 20.27
N SER B 203 -15.68 -36.56 21.19
CA SER B 203 -15.98 -36.48 22.62
C SER B 203 -17.30 -35.82 23.02
N SER B 204 -17.59 -34.64 22.48
CA SER B 204 -18.81 -33.94 22.85
C SER B 204 -20.09 -34.74 22.63
N TRP B 205 -20.05 -35.74 21.75
CA TRP B 205 -21.24 -36.53 21.50
C TRP B 205 -21.23 -37.90 22.16
N THR B 206 -20.26 -38.73 21.81
CA THR B 206 -20.18 -40.07 22.35
C THR B 206 -19.11 -40.34 23.42
N GLY B 207 -18.45 -39.29 23.89
CA GLY B 207 -17.46 -39.48 24.93
C GLY B 207 -16.06 -39.89 24.50
N TRP B 208 -15.27 -40.36 25.47
CA TRP B 208 -13.89 -40.76 25.22
C TRP B 208 -13.64 -42.25 25.06
N GLN B 209 -14.67 -43.07 25.16
CA GLN B 209 -14.47 -44.51 25.00
C GLN B 209 -15.49 -45.15 24.08
N TYR B 210 -15.75 -44.49 22.95
CA TYR B 210 -16.71 -45.00 21.98
C TYR B 210 -16.26 -44.66 20.57
N SER B 211 -15.91 -45.68 19.79
CA SER B 211 -15.46 -45.48 18.42
C SER B 211 -16.66 -45.55 17.46
N LEU B 212 -16.96 -44.40 16.85
CA LEU B 212 -18.09 -44.28 15.93
C LEU B 212 -18.05 -45.22 14.73
N LYS B 213 -19.24 -45.56 14.24
CA LYS B 213 -19.37 -46.45 13.10
C LYS B 213 -19.18 -45.72 11.77
N PHE B 214 -19.64 -44.48 11.72
CA PHE B 214 -19.56 -43.69 10.50
C PHE B 214 -19.20 -42.22 10.74
N SER B 215 -18.45 -41.65 9.81
CA SER B 215 -18.07 -40.25 9.87
C SER B 215 -17.77 -39.80 8.45
N GLU B 216 -18.11 -38.55 8.16
CA GLU B 216 -17.86 -37.98 6.85
C GLU B 216 -17.65 -36.49 7.05
N MET B 217 -16.53 -35.99 6.54
CA MET B 217 -16.19 -34.57 6.64
C MET B 217 -16.31 -34.04 5.22
N LYS B 218 -17.06 -32.96 5.06
CA LYS B 218 -17.28 -32.38 3.73
C LYS B 218 -17.37 -30.86 3.80
N ILE B 219 -17.15 -30.21 2.66
CA ILE B 219 -17.16 -28.75 2.58
C ILE B 219 -18.01 -28.18 1.45
N ARG B 220 -18.45 -26.94 1.62
CA ARG B 220 -19.26 -26.26 0.62
C ARG B 220 -19.05 -24.75 0.74
N PRO B 221 -18.91 -24.04 -0.39
CA PRO B 221 -18.70 -22.59 -0.37
C PRO B 221 -19.78 -21.89 0.45
N VAL B 222 -19.38 -20.87 1.20
CA VAL B 222 -20.33 -20.13 2.03
C VAL B 222 -21.08 -19.11 1.18
CA CA C . 21.81 32.11 10.91
C1 NAG D . 6.32 14.26 -20.50
C2 NAG D . 6.09 12.95 -21.29
C3 NAG D . 7.17 12.82 -22.37
C4 NAG D . 7.15 14.06 -23.27
C5 NAG D . 7.32 15.32 -22.41
C6 NAG D . 7.21 16.59 -23.23
C7 NAG D . 7.14 11.65 -19.54
C8 NAG D . 6.85 10.87 -18.27
N2 NAG D . 6.15 11.80 -20.40
O3 NAG D . 6.94 11.66 -23.15
O4 NAG D . 8.20 13.99 -24.22
O5 NAG D . 6.28 15.39 -21.40
O6 NAG D . 7.16 17.74 -22.39
O7 NAG D . 8.27 12.11 -19.73
C1 BM3 E . 14.25 22.83 10.55
O1 BM3 E . 14.59 23.72 11.44
C2 BM3 E . 12.93 22.98 9.79
N2 BM3 E . 12.94 22.44 8.42
C7 BM3 E . 13.28 23.23 7.36
O7 BM3 E . 13.57 24.42 7.49
C8 BM3 E . 13.27 22.60 5.99
C3 BM3 E . 12.01 22.09 10.68
O3 BM3 E . 10.69 22.05 10.11
C4 BM3 E . 12.54 20.63 10.83
O4 BM3 E . 11.64 19.83 11.65
C5 BM3 E . 13.96 20.64 11.46
C6 BM3 E . 14.54 19.25 11.58
O6 BM3 E . 15.84 19.41 12.17
O5 BM3 E . 14.86 21.47 10.65
S SO4 F . 30.09 32.15 -5.87
O1 SO4 F . 29.64 30.77 -6.08
O2 SO4 F . 31.28 32.41 -6.68
O3 SO4 F . 29.03 33.09 -6.27
O4 SO4 F . 30.41 32.36 -4.44
CA CA G . 4.51 -33.53 20.68
C1 BM3 H . -7.03 -34.02 28.17
O1 BM3 H . -6.14 -33.37 28.85
C2 BM3 H . -6.93 -34.10 26.66
N2 BM3 H . -7.59 -35.28 26.07
C7 BM3 H . -7.10 -35.96 25.01
O7 BM3 H . -6.07 -35.66 24.44
C8 BM3 H . -7.90 -37.15 24.54
C3 BM3 H . -7.77 -32.81 26.30
O3 BM3 H . -7.83 -32.65 24.87
C4 BM3 H . -9.22 -32.86 26.88
O4 BM3 H . -9.98 -31.67 26.51
C5 BM3 H . -9.17 -33.03 28.42
C6 BM3 H . -10.55 -33.13 29.03
O6 BM3 H . -10.34 -33.28 30.44
O5 BM3 H . -8.38 -34.22 28.78
S SO4 I . 2.84 -45.10 6.35
O1 SO4 I . 2.03 -45.78 7.37
O2 SO4 I . 3.33 -46.09 5.39
O3 SO4 I . 2.02 -44.10 5.66
O4 SO4 I . 3.98 -44.44 6.99
#